data_2XBX
#
_entry.id   2XBX
#
_cell.length_a   105.780
_cell.length_b   105.780
_cell.length_c   50.360
_cell.angle_alpha   90.00
_cell.angle_beta   90.00
_cell.angle_gamma   90.00
#
_symmetry.space_group_name_H-M   'P 43 21 2'
#
loop_
_entity.id
_entity.type
_entity.pdbx_description
1 polymer 'ACTIVATED FACTOR XA HEAVY CHAIN'
2 polymer 'FACTOR X LIGHT CHAIN'
3 non-polymer '(3R,4R)-1-METHANESULFONYL-PYRROLIDINE-3,4-DICARBOXYLIC ACID 3-[(4-CHLORO-PHENYL)-AMIDE] 4-{[2-FLUORO-4-(2-OXO-2H-PYRIDIN-1-YL)-PHENYL]-AMIDE}'
4 non-polymer 'CALCIUM ION'
5 non-polymer 'SODIUM ION'
6 water water
#
loop_
_entity_poly.entity_id
_entity_poly.type
_entity_poly.pdbx_seq_one_letter_code
_entity_poly.pdbx_strand_id
1 'polypeptide(L)'
;IVGGQECKDGECPWQALLINEENEGFCGGTILSEFYILTAAHCLYQAKRFKVRVGDRNTEQEEGGEAVHEVEVVIKHNRF
TKETYDFDIAVLRLKTPITFRMNVAPACLPERDWAESTLMTQKTGIVSGFGRTHEKGRQSTRLKMLEVPYVDRNSCKLSS
SFIITQNMFCAGYDTKQEDACQGDSGGPHVTRFKDTYFVTGIVSWGEGCARKGKYGIYTKVTAFLKWIDRSMKTRGLPKA
K
;
A
2 'polypeptide(L)' RKLCSLDNGDCDQFCHEEQNSVVCSCARGYTLADNGKACIPTGPYPCGKQTLERR L
#
# COMPACT_ATOMS: atom_id res chain seq x y z
N ILE A 1 11.06 6.03 4.90
CA ILE A 1 11.58 5.92 3.50
C ILE A 1 13.01 6.47 3.42
N VAL A 2 13.94 5.67 2.90
CA VAL A 2 15.34 6.07 2.75
C VAL A 2 15.46 6.50 1.29
N GLY A 3 15.90 7.75 1.07
CA GLY A 3 15.97 8.24 -0.27
C GLY A 3 14.57 8.70 -0.64
N GLY A 4 14.21 8.60 -1.92
CA GLY A 4 12.90 9.01 -2.37
C GLY A 4 12.69 10.52 -2.24
N GLN A 5 11.42 10.96 -2.20
CA GLN A 5 11.08 12.38 -2.11
C GLN A 5 9.79 12.55 -1.31
N GLU A 6 9.53 13.78 -0.86
CA GLU A 6 8.29 14.05 -0.13
C GLU A 6 7.14 13.97 -1.14
N CYS A 7 5.99 13.40 -0.75
CA CYS A 7 4.84 13.32 -1.68
C CYS A 7 4.28 14.74 -1.79
N LYS A 8 3.84 15.11 -2.98
CA LYS A 8 3.25 16.43 -3.15
C LYS A 8 1.80 16.28 -2.76
N ASP A 9 1.12 17.40 -2.62
CA ASP A 9 -0.29 17.43 -2.25
C ASP A 9 -1.07 16.60 -3.23
N GLY A 10 -1.88 15.68 -2.71
CA GLY A 10 -2.72 14.82 -3.53
C GLY A 10 -2.05 13.60 -4.19
N GLU A 11 -0.75 13.49 -4.05
CA GLU A 11 0.00 12.40 -4.68
C GLU A 11 -0.07 11.00 -4.04
N CYS A 12 -0.26 10.94 -2.73
CA CYS A 12 -0.32 9.65 -2.01
C CYS A 12 -1.55 9.70 -1.08
N PRO A 13 -2.76 9.94 -1.64
CA PRO A 13 -3.99 10.04 -0.86
C PRO A 13 -4.45 8.81 -0.10
N TRP A 14 -3.98 7.64 -0.51
CA TRP A 14 -4.36 6.41 0.15
C TRP A 14 -3.52 6.08 1.37
N GLN A 15 -2.53 6.91 1.67
CA GLN A 15 -1.68 6.71 2.84
C GLN A 15 -2.49 6.90 4.12
N ALA A 16 -2.31 5.98 5.08
CA ALA A 16 -2.94 6.11 6.39
C ALA A 16 -1.78 5.90 7.37
N LEU A 17 -1.90 6.46 8.56
CA LEU A 17 -0.83 6.34 9.56
C LEU A 17 -1.43 5.79 10.83
N LEU A 18 -0.80 4.76 11.40
CA LEU A 18 -1.34 4.20 12.65
C LEU A 18 -0.62 4.95 13.75
N ILE A 19 -1.37 5.49 14.70
CA ILE A 19 -0.75 6.24 15.76
C ILE A 19 -1.00 5.60 17.10
N ASN A 20 0.04 5.56 17.91
CA ASN A 20 -0.08 4.93 19.20
C ASN A 20 -0.60 5.88 20.29
N GLU A 21 -0.64 5.37 21.51
CA GLU A 21 -1.12 6.13 22.65
C GLU A 21 -0.37 7.44 22.85
N GLU A 22 0.89 7.47 22.43
CA GLU A 22 1.71 8.67 22.53
C GLU A 22 1.45 9.63 21.37
N ASN A 23 0.47 9.28 20.55
CA ASN A 23 0.11 10.09 19.39
C ASN A 23 1.25 10.12 18.35
N GLU A 24 2.07 9.08 18.38
CA GLU A 24 3.21 8.94 17.46
C GLU A 24 2.97 7.81 16.43
N GLY A 25 3.31 8.09 15.19
CA GLY A 25 3.15 7.13 14.11
C GLY A 25 4.12 5.99 14.27
N PHE A 26 3.64 4.76 14.05
CA PHE A 26 4.52 3.61 14.16
C PHE A 26 4.39 2.65 12.97
N CYS A 27 3.36 2.82 12.16
CA CYS A 27 3.15 1.95 10.98
C CYS A 27 2.23 2.68 10.01
N GLY A 28 2.25 2.27 8.76
CA GLY A 28 1.37 2.86 7.77
C GLY A 28 0.18 1.94 7.50
N GLY A 29 -0.66 2.39 6.58
CA GLY A 29 -1.80 1.60 6.18
C GLY A 29 -2.24 2.16 4.82
N THR A 30 -3.16 1.47 4.16
CA THR A 30 -3.67 1.90 2.87
C THR A 30 -5.17 1.99 2.97
N ILE A 31 -5.71 3.13 2.55
CA ILE A 31 -7.17 3.26 2.58
C ILE A 31 -7.73 2.41 1.45
N LEU A 32 -8.68 1.53 1.76
CA LEU A 32 -9.31 0.66 0.75
C LEU A 32 -10.74 1.13 0.46
N SER A 33 -11.39 1.72 1.47
CA SER A 33 -12.76 2.23 1.28
C SER A 33 -13.02 3.19 2.41
N GLU A 34 -14.23 3.73 2.51
CA GLU A 34 -14.50 4.67 3.60
C GLU A 34 -14.42 4.00 4.98
N PHE A 35 -14.59 2.68 5.05
CA PHE A 35 -14.53 1.99 6.34
C PHE A 35 -13.31 1.11 6.59
N TYR A 36 -12.53 0.82 5.55
CA TYR A 36 -11.40 -0.11 5.74
C TYR A 36 -10.01 0.35 5.40
N ILE A 37 -9.07 -0.07 6.26
CA ILE A 37 -7.66 0.22 6.11
C ILE A 37 -6.93 -1.12 6.00
N LEU A 38 -6.00 -1.22 5.06
CA LEU A 38 -5.19 -2.44 4.86
C LEU A 38 -3.85 -2.15 5.54
N THR A 39 -3.36 -3.10 6.34
CA THR A 39 -2.06 -2.87 6.97
C THR A 39 -1.41 -4.25 7.18
N ALA A 40 -0.28 -4.26 7.87
CA ALA A 40 0.45 -5.50 8.09
C ALA A 40 0.02 -6.10 9.43
N ALA A 41 -0.13 -7.42 9.49
CA ALA A 41 -0.45 -8.04 10.77
C ALA A 41 0.61 -7.77 11.84
N HIS A 42 1.89 -7.71 11.46
CA HIS A 42 2.91 -7.52 12.51
C HIS A 42 2.81 -6.17 13.20
N CYS A 43 2.17 -5.22 12.54
CA CYS A 43 2.01 -3.92 13.13
C CYS A 43 1.08 -3.94 14.33
N LEU A 44 0.18 -4.92 14.38
CA LEU A 44 -0.79 -4.98 15.46
C LEU A 44 -0.15 -5.29 16.80
N TYR A 45 1.06 -5.82 16.76
CA TYR A 45 1.80 -6.17 17.96
C TYR A 45 2.56 -4.99 18.59
N GLN A 46 2.83 -3.97 17.79
CA GLN A 46 3.65 -2.84 18.23
C GLN A 46 3.04 -1.71 19.05
N ALA A 47 1.76 -1.80 19.35
CA ALA A 47 1.10 -0.77 20.14
C ALA A 47 -0.18 -1.37 20.70
N LYS A 48 -0.27 -1.40 22.02
CA LYS A 48 -1.45 -1.96 22.68
C LYS A 48 -2.70 -1.35 22.13
N ARG A 49 -2.69 -0.03 21.96
CA ARG A 49 -3.85 0.62 21.42
C ARG A 49 -3.40 1.61 20.36
N PHE A 50 -4.22 1.80 19.33
CA PHE A 50 -3.84 2.73 18.28
C PHE A 50 -5.07 3.24 17.56
N LYS A 51 -4.86 4.33 16.83
CA LYS A 51 -5.92 4.96 16.06
C LYS A 51 -5.34 5.13 14.67
N VAL A 52 -6.16 5.63 13.77
CA VAL A 52 -5.72 5.82 12.40
C VAL A 52 -5.87 7.29 12.00
N ARG A 53 -4.84 7.86 11.40
CA ARG A 53 -4.90 9.25 10.95
C ARG A 53 -4.80 9.23 9.43
N VAL A 54 -5.69 9.97 8.78
CA VAL A 54 -5.63 10.09 7.34
C VAL A 54 -5.42 11.57 6.97
N GLY A 55 -5.03 11.81 5.72
CA GLY A 55 -4.81 13.18 5.25
C GLY A 55 -3.60 13.93 5.79
N ASP A 56 -2.74 13.28 6.54
CA ASP A 56 -1.60 14.00 7.08
C ASP A 56 -0.40 13.91 6.16
N ARG A 57 0.30 15.03 5.98
CA ARG A 57 1.48 15.00 5.15
C ARG A 57 2.69 15.47 5.94
N ASN A 58 2.41 16.14 7.06
CA ASN A 58 3.47 16.68 7.93
C ASN A 58 3.04 16.45 9.36
N THR A 59 3.71 15.56 10.07
CA THR A 59 3.30 15.25 11.43
C THR A 59 3.57 16.36 12.44
N GLU A 60 4.35 17.36 12.08
CA GLU A 60 4.61 18.45 13.02
C GLU A 60 3.67 19.64 12.85
N GLN A 61 2.80 19.60 11.84
CA GLN A 61 1.87 20.70 11.60
C GLN A 61 0.47 20.16 11.36
N GLU A 62 -0.53 20.77 11.99
CA GLU A 62 -1.89 20.31 11.77
C GLU A 62 -2.38 21.09 10.56
N GLU A 63 -2.70 20.39 9.48
CA GLU A 63 -3.18 21.08 8.29
C GLU A 63 -4.54 20.56 7.85
N GLY A 64 -5.24 21.38 7.08
CA GLY A 64 -6.54 21.02 6.61
C GLY A 64 -6.55 19.64 6.01
N GLY A 65 -7.58 18.87 6.33
CA GLY A 65 -7.68 17.52 5.81
C GLY A 65 -7.30 16.43 6.78
N GLU A 66 -6.46 16.69 7.77
CA GLU A 66 -6.16 15.62 8.71
C GLU A 66 -7.38 15.25 9.54
N ALA A 67 -7.53 13.94 9.81
CA ALA A 67 -8.63 13.47 10.62
C ALA A 67 -8.22 12.16 11.28
N VAL A 68 -8.74 11.96 12.48
CA VAL A 68 -8.48 10.76 13.24
C VAL A 68 -9.68 9.85 13.30
N HIS A 69 -9.42 8.56 13.18
CA HIS A 69 -10.46 7.56 13.21
C HIS A 69 -10.16 6.44 14.18
N GLU A 70 -11.14 6.05 14.99
CA GLU A 70 -10.94 4.93 15.90
C GLU A 70 -11.18 3.65 15.14
N VAL A 71 -10.51 2.58 15.55
CA VAL A 71 -10.67 1.28 14.88
C VAL A 71 -11.74 0.48 15.60
N GLU A 72 -12.73 0.01 14.85
CA GLU A 72 -13.80 -0.78 15.46
C GLU A 72 -13.48 -2.27 15.53
N VAL A 73 -12.93 -2.81 14.44
CA VAL A 73 -12.62 -4.24 14.38
C VAL A 73 -11.27 -4.46 13.73
N VAL A 74 -10.47 -5.36 14.28
CA VAL A 74 -9.18 -5.67 13.70
C VAL A 74 -9.32 -7.09 13.17
N ILE A 75 -9.03 -7.27 11.89
CA ILE A 75 -9.10 -8.60 11.30
C ILE A 75 -7.66 -8.92 10.87
N LYS A 76 -6.99 -9.74 11.67
CA LYS A 76 -5.62 -10.13 11.40
C LYS A 76 -5.66 -11.52 10.75
N HIS A 77 -4.80 -11.78 9.77
CA HIS A 77 -4.80 -13.09 9.13
C HIS A 77 -4.43 -14.14 10.20
N ASN A 78 -5.26 -15.17 10.35
CA ASN A 78 -5.01 -16.22 11.34
C ASN A 78 -3.70 -16.96 11.18
N ARG A 79 -3.09 -16.94 9.99
CA ARG A 79 -1.82 -17.66 9.82
C ARG A 79 -0.56 -16.82 9.98
N PHE A 80 -0.71 -15.54 10.28
CA PHE A 80 0.47 -14.75 10.48
C PHE A 80 1.22 -15.25 11.71
N THR A 81 2.55 -15.27 11.61
CA THR A 81 3.39 -15.64 12.73
C THR A 81 4.71 -14.90 12.59
N LYS A 82 5.28 -14.45 13.70
CA LYS A 82 6.57 -13.74 13.62
C LYS A 82 7.71 -14.69 13.29
N GLU A 83 7.44 -15.98 13.40
CA GLU A 83 8.48 -16.94 13.08
C GLU A 83 8.91 -16.83 11.61
N THR A 84 7.94 -16.61 10.72
CA THR A 84 8.20 -16.54 9.29
C THR A 84 7.86 -15.20 8.62
N TYR A 85 7.07 -14.40 9.33
CA TYR A 85 6.53 -13.12 8.81
C TYR A 85 5.61 -13.39 7.60
N ASP A 86 5.21 -14.64 7.43
CA ASP A 86 4.31 -15.00 6.31
C ASP A 86 2.89 -14.53 6.64
N PHE A 87 2.05 -14.34 5.63
CA PHE A 87 0.66 -13.89 5.81
C PHE A 87 0.61 -12.57 6.60
N ASP A 88 1.49 -11.64 6.26
CA ASP A 88 1.60 -10.39 7.01
C ASP A 88 0.58 -9.36 6.49
N ILE A 89 -0.67 -9.55 6.91
CA ILE A 89 -1.76 -8.71 6.45
C ILE A 89 -2.87 -8.66 7.49
N ALA A 90 -3.51 -7.49 7.57
CA ALA A 90 -4.64 -7.27 8.47
C ALA A 90 -5.49 -6.21 7.81
N VAL A 91 -6.79 -6.24 8.11
CA VAL A 91 -7.73 -5.25 7.62
C VAL A 91 -8.35 -4.63 8.89
N LEU A 92 -8.49 -3.31 8.90
CA LEU A 92 -9.06 -2.61 10.04
C LEU A 92 -10.38 -2.03 9.61
N ARG A 93 -11.45 -2.26 10.37
CA ARG A 93 -12.72 -1.62 10.03
C ARG A 93 -12.79 -0.45 11.00
N LEU A 94 -12.98 0.75 10.47
CA LEU A 94 -13.08 1.97 11.28
C LEU A 94 -14.49 2.14 11.89
N LYS A 95 -14.57 2.82 13.02
CA LYS A 95 -15.85 3.05 13.71
C LYS A 95 -16.74 3.99 12.92
N THR A 96 -16.12 4.99 12.31
CA THR A 96 -16.86 5.96 11.49
C THR A 96 -16.17 6.03 10.14
N PRO A 97 -16.95 6.26 9.07
CA PRO A 97 -16.50 6.36 7.69
C PRO A 97 -15.61 7.55 7.34
N ILE A 98 -14.62 7.28 6.51
CA ILE A 98 -13.69 8.32 6.06
C ILE A 98 -14.38 9.12 4.98
N THR A 99 -14.22 10.44 5.02
CA THR A 99 -14.79 11.34 4.03
C THR A 99 -13.70 11.58 3.00
N PHE A 100 -13.85 11.11 1.77
CA PHE A 100 -12.78 11.32 0.82
C PHE A 100 -12.69 12.79 0.46
N ARG A 101 -11.47 13.25 0.24
CA ARG A 101 -11.22 14.64 -0.08
C ARG A 101 -9.80 14.74 -0.60
N MET A 102 -9.32 15.96 -0.75
CA MET A 102 -7.96 16.18 -1.19
C MET A 102 -7.08 15.44 -0.16
N ASN A 103 -6.19 14.61 -0.68
CA ASN A 103 -5.26 13.83 0.14
C ASN A 103 -5.86 12.64 0.87
N VAL A 104 -7.11 12.31 0.60
CA VAL A 104 -7.75 11.18 1.26
C VAL A 104 -8.63 10.47 0.25
N ALA A 105 -8.12 9.37 -0.30
CA ALA A 105 -8.85 8.63 -1.29
C ALA A 105 -8.27 7.21 -1.30
N PRO A 106 -9.12 6.22 -1.62
CA PRO A 106 -8.65 4.83 -1.64
C PRO A 106 -7.86 4.43 -2.84
N ALA A 107 -7.03 3.41 -2.66
CA ALA A 107 -6.26 2.85 -3.76
C ALA A 107 -7.19 1.74 -4.27
N CYS A 108 -7.08 1.39 -5.55
CA CYS A 108 -7.95 0.36 -6.09
C CYS A 108 -7.45 -1.05 -5.84
N LEU A 109 -8.37 -1.98 -5.62
CA LEU A 109 -8.03 -3.39 -5.46
C LEU A 109 -8.20 -3.97 -6.87
N PRO A 110 -7.17 -4.62 -7.41
CA PRO A 110 -7.24 -5.22 -8.74
C PRO A 110 -7.88 -6.60 -8.71
N GLU A 111 -8.14 -7.18 -9.88
CA GLU A 111 -8.68 -8.53 -9.96
C GLU A 111 -7.45 -9.44 -9.92
N ARG A 112 -7.52 -10.57 -9.23
CA ARG A 112 -6.37 -11.45 -9.07
C ARG A 112 -5.56 -11.87 -10.30
N ASP A 113 -6.19 -12.63 -11.20
CA ASP A 113 -5.47 -13.10 -12.39
C ASP A 113 -4.88 -11.96 -13.21
N TRP A 114 -5.65 -10.88 -13.37
CA TRP A 114 -5.20 -9.73 -14.14
C TRP A 114 -4.01 -9.06 -13.49
N ALA A 115 -4.05 -8.92 -12.16
CA ALA A 115 -2.94 -8.27 -11.47
C ALA A 115 -1.69 -9.11 -11.66
N GLU A 116 -1.84 -10.43 -11.50
CA GLU A 116 -0.70 -11.36 -11.63
C GLU A 116 -0.02 -11.27 -12.98
N SER A 117 -0.81 -11.08 -14.03
CA SER A 117 -0.25 -11.01 -15.37
C SER A 117 0.02 -9.62 -15.88
N THR A 118 -0.63 -8.62 -15.31
CA THR A 118 -0.43 -7.27 -15.84
C THR A 118 0.15 -6.21 -14.92
N LEU A 119 -0.15 -6.28 -13.63
CA LEU A 119 0.39 -5.30 -12.70
C LEU A 119 1.72 -5.76 -12.14
N MET A 120 1.75 -6.99 -11.63
CA MET A 120 2.98 -7.51 -11.03
C MET A 120 4.09 -7.62 -12.07
N THR A 121 3.76 -7.51 -13.35
CA THR A 121 4.79 -7.61 -14.39
C THR A 121 5.34 -6.26 -14.83
N GLN A 122 4.83 -5.18 -14.24
CA GLN A 122 5.30 -3.83 -14.55
C GLN A 122 6.73 -3.69 -14.04
N LYS A 123 7.43 -2.66 -14.46
CA LYS A 123 8.80 -2.50 -13.99
C LYS A 123 8.89 -2.05 -12.55
N THR A 124 8.00 -1.14 -12.14
CA THR A 124 8.06 -0.62 -10.80
C THR A 124 6.72 -0.41 -10.11
N GLY A 125 6.84 -0.09 -8.83
CA GLY A 125 5.73 0.21 -7.99
C GLY A 125 6.17 1.41 -7.17
N ILE A 126 5.25 1.93 -6.37
CA ILE A 126 5.54 3.09 -5.53
C ILE A 126 5.25 2.75 -4.07
N VAL A 127 6.20 3.00 -3.19
CA VAL A 127 6.00 2.76 -1.76
C VAL A 127 6.03 4.12 -1.05
N SER A 128 5.28 4.26 0.03
CA SER A 128 5.26 5.54 0.73
C SER A 128 5.09 5.38 2.23
N GLY A 129 5.44 6.41 2.97
CA GLY A 129 5.30 6.35 4.42
C GLY A 129 6.07 7.42 5.18
N PHE A 130 5.90 7.37 6.49
CA PHE A 130 6.53 8.28 7.44
C PHE A 130 7.64 7.62 8.21
N GLY A 131 8.17 6.50 7.69
CA GLY A 131 9.21 5.78 8.39
C GLY A 131 10.58 6.41 8.42
N ARG A 132 11.53 5.69 9.01
CA ARG A 132 12.89 6.18 9.13
C ARG A 132 13.50 6.54 7.79
N THR A 133 14.29 7.62 7.78
CA THR A 133 14.94 8.10 6.58
C THR A 133 16.35 7.49 6.47
N HIS A 134 16.72 6.71 7.47
CA HIS A 134 18.00 5.99 7.50
C HIS A 134 17.82 4.85 8.49
N GLU A 135 18.49 3.72 8.26
CA GLU A 135 18.33 2.58 9.13
C GLU A 135 18.43 2.89 10.63
N LYS A 136 19.41 3.69 11.02
CA LYS A 136 19.54 3.98 12.43
C LYS A 136 18.97 5.34 12.83
N GLY A 137 18.38 6.03 11.85
CA GLY A 137 17.84 7.35 12.11
C GLY A 137 16.40 7.46 12.58
N ARG A 138 15.94 8.72 12.57
CA ARG A 138 14.60 9.08 13.00
C ARG A 138 13.56 8.91 11.91
N GLN A 139 12.31 8.79 12.34
CA GLN A 139 11.18 8.70 11.42
C GLN A 139 11.00 10.06 10.78
N SER A 140 10.51 10.08 9.55
CA SER A 140 10.28 11.30 8.81
C SER A 140 9.06 12.06 9.32
N THR A 141 9.15 13.38 9.45
CA THR A 141 7.98 14.12 9.87
C THR A 141 7.14 14.41 8.61
N ARG A 142 7.68 14.13 7.43
CA ARG A 142 6.96 14.36 6.17
C ARG A 142 6.69 13.07 5.41
N LEU A 143 5.53 13.00 4.79
CA LEU A 143 5.15 11.81 4.03
C LEU A 143 6.07 11.75 2.80
N LYS A 144 6.75 10.60 2.63
CA LYS A 144 7.67 10.38 1.52
C LYS A 144 7.20 9.26 0.64
N MET A 145 7.61 9.30 -0.62
CA MET A 145 7.27 8.23 -1.57
C MET A 145 8.55 7.77 -2.28
N LEU A 146 8.57 6.54 -2.77
CA LEU A 146 9.76 6.04 -3.47
C LEU A 146 9.39 5.09 -4.57
N GLU A 147 9.95 5.27 -5.76
CA GLU A 147 9.63 4.35 -6.84
C GLU A 147 10.57 3.13 -6.61
N VAL A 148 10.01 1.93 -6.53
CA VAL A 148 10.85 0.76 -6.32
C VAL A 148 10.66 -0.27 -7.41
N PRO A 149 11.76 -0.71 -8.03
CA PRO A 149 11.70 -1.72 -9.09
C PRO A 149 11.27 -3.07 -8.51
N TYR A 150 10.43 -3.81 -9.24
CA TYR A 150 10.09 -5.17 -8.82
C TYR A 150 11.42 -5.95 -8.96
N VAL A 151 11.67 -6.84 -8.01
CA VAL A 151 12.91 -7.63 -8.01
C VAL A 151 12.59 -9.10 -8.24
N ASP A 152 13.36 -9.74 -9.11
CA ASP A 152 13.15 -11.15 -9.43
C ASP A 152 13.13 -11.99 -8.16
N ARG A 153 12.13 -12.87 -8.04
CA ARG A 153 11.97 -13.70 -6.83
C ARG A 153 13.21 -14.55 -6.50
N ASN A 154 13.83 -15.14 -7.51
CA ASN A 154 14.99 -15.97 -7.24
C ASN A 154 16.19 -15.17 -6.78
N SER A 155 16.40 -14.02 -7.40
CA SER A 155 17.48 -13.13 -7.00
C SER A 155 17.27 -12.75 -5.52
N CYS A 156 16.02 -12.48 -5.19
CA CYS A 156 15.66 -12.10 -3.83
C CYS A 156 15.91 -13.24 -2.84
N LYS A 157 15.51 -14.45 -3.21
CA LYS A 157 15.74 -15.56 -2.29
C LYS A 157 17.23 -15.72 -2.04
N LEU A 158 18.04 -15.60 -3.09
CA LEU A 158 19.49 -15.76 -2.89
C LEU A 158 20.06 -14.71 -1.96
N SER A 159 19.51 -13.50 -2.01
CA SER A 159 20.00 -12.41 -1.16
C SER A 159 19.53 -12.45 0.28
N SER A 160 18.47 -13.19 0.54
CA SER A 160 17.82 -13.20 1.84
C SER A 160 18.24 -14.21 2.87
N SER A 161 18.36 -13.75 4.12
CA SER A 161 18.69 -14.64 5.24
C SER A 161 17.46 -15.48 5.58
N PHE A 162 16.26 -15.00 5.24
CA PHE A 162 15.03 -15.68 5.57
C PHE A 162 14.27 -16.15 4.34
N ILE A 163 13.36 -17.10 4.56
CA ILE A 163 12.56 -17.65 3.47
C ILE A 163 11.59 -16.64 2.87
N ILE A 164 11.57 -16.56 1.55
CA ILE A 164 10.66 -15.66 0.86
C ILE A 164 9.55 -16.61 0.40
N THR A 165 8.32 -16.38 0.84
CA THR A 165 7.22 -17.26 0.46
C THR A 165 6.45 -16.70 -0.72
N GLN A 166 5.52 -17.49 -1.25
CA GLN A 166 4.69 -17.04 -2.33
C GLN A 166 3.76 -15.90 -1.89
N ASN A 167 3.61 -15.66 -0.59
CA ASN A 167 2.73 -14.56 -0.14
C ASN A 167 3.49 -13.24 -0.03
N MET A 168 4.73 -13.25 -0.51
CA MET A 168 5.63 -12.11 -0.46
C MET A 168 6.20 -11.84 -1.83
N PHE A 169 6.64 -10.61 -2.06
CA PHE A 169 7.37 -10.31 -3.29
C PHE A 169 8.44 -9.30 -2.88
N CYS A 170 9.47 -9.13 -3.71
CA CYS A 170 10.55 -8.24 -3.35
C CYS A 170 10.62 -7.05 -4.28
N ALA A 171 11.09 -5.94 -3.76
CA ALA A 171 11.22 -4.76 -4.62
C ALA A 171 12.27 -3.85 -4.03
N GLY A 172 12.83 -2.98 -4.86
CA GLY A 172 13.83 -2.10 -4.34
C GLY A 172 15.10 -2.20 -5.16
N TYR A 173 16.22 -1.92 -4.50
CA TYR A 173 17.53 -1.90 -5.12
C TYR A 173 18.61 -2.70 -4.41
N ASP A 174 19.48 -3.25 -5.24
CA ASP A 174 20.60 -4.04 -4.74
C ASP A 174 21.53 -3.17 -3.90
N THR A 175 22.11 -2.13 -4.50
CA THR A 175 23.07 -1.29 -3.78
C THR A 175 22.71 0.19 -3.65
N LYS A 176 21.83 0.68 -4.52
CA LYS A 176 21.40 2.06 -4.45
C LYS A 176 20.78 2.27 -3.08
N GLN A 177 21.11 3.37 -2.43
CA GLN A 177 20.60 3.62 -1.08
C GLN A 177 19.18 4.18 -1.01
N GLU A 178 18.21 3.40 -1.48
CA GLU A 178 16.80 3.80 -1.46
C GLU A 178 16.00 2.58 -1.06
N ASP A 179 15.07 2.75 -0.14
CA ASP A 179 14.30 1.62 0.32
C ASP A 179 13.26 2.12 1.30
N ALA A 180 12.32 1.26 1.64
CA ALA A 180 11.35 1.60 2.66
C ALA A 180 12.12 1.25 3.94
N CYS A 181 11.58 1.59 5.11
CA CYS A 181 12.27 1.30 6.34
C CYS A 181 11.25 1.15 7.47
N GLN A 182 11.77 0.88 8.67
CA GLN A 182 10.92 0.71 9.84
C GLN A 182 10.07 1.97 9.98
N GLY A 183 8.78 1.79 10.25
CA GLY A 183 7.91 2.94 10.37
C GLY A 183 7.04 3.03 9.13
N ASP A 184 7.55 2.53 8.01
CA ASP A 184 6.79 2.51 6.76
C ASP A 184 5.97 1.22 6.73
N SER A 185 6.39 0.23 7.52
CA SER A 185 5.69 -1.05 7.60
C SER A 185 4.15 -0.90 7.68
N GLY A 186 3.45 -1.75 6.93
CA GLY A 186 1.99 -1.73 6.90
C GLY A 186 1.45 -0.81 5.84
N GLY A 187 2.31 0.09 5.38
CA GLY A 187 1.98 1.08 4.37
C GLY A 187 1.78 0.53 2.97
N PRO A 188 1.36 1.41 2.06
CA PRO A 188 1.10 0.99 0.69
C PRO A 188 2.24 0.81 -0.27
N HIS A 189 2.06 -0.17 -1.14
CA HIS A 189 2.94 -0.37 -2.27
C HIS A 189 1.89 -0.42 -3.36
N VAL A 190 1.91 0.56 -4.26
CA VAL A 190 0.92 0.57 -5.32
C VAL A 190 1.65 0.56 -6.66
N THR A 191 0.94 0.11 -7.68
CA THR A 191 1.47 -0.01 -9.02
C THR A 191 0.46 0.69 -9.96
N ARG A 192 0.99 1.60 -10.75
CA ARG A 192 0.19 2.36 -11.69
C ARG A 192 0.01 1.55 -12.96
N PHE A 193 -1.22 1.56 -13.49
CA PHE A 193 -1.53 0.92 -14.75
C PHE A 193 -2.25 1.99 -15.52
N LYS A 194 -1.61 2.50 -16.55
CA LYS A 194 -2.17 3.57 -17.33
C LYS A 194 -2.28 4.75 -16.36
N ASP A 195 -3.50 5.12 -15.97
CA ASP A 195 -3.61 6.26 -15.05
C ASP A 195 -4.29 5.95 -13.71
N THR A 196 -4.31 4.68 -13.33
CA THR A 196 -4.93 4.29 -12.07
C THR A 196 -3.92 3.52 -11.22
N TYR A 197 -3.95 3.77 -9.91
CA TYR A 197 -3.03 3.11 -8.99
C TYR A 197 -3.76 2.03 -8.23
N PHE A 198 -3.20 0.82 -8.32
CA PHE A 198 -3.75 -0.37 -7.71
C PHE A 198 -2.85 -0.81 -6.54
N VAL A 199 -3.43 -1.15 -5.40
CA VAL A 199 -2.55 -1.57 -4.33
C VAL A 199 -2.06 -2.97 -4.67
N THR A 200 -0.74 -3.15 -4.60
CA THR A 200 -0.10 -4.39 -4.94
C THR A 200 0.68 -5.04 -3.79
N GLY A 201 1.06 -4.25 -2.81
CA GLY A 201 1.81 -4.82 -1.70
C GLY A 201 1.59 -4.05 -0.41
N ILE A 202 2.08 -4.63 0.67
CA ILE A 202 2.01 -4.05 2.00
C ILE A 202 3.47 -4.09 2.45
N VAL A 203 4.03 -2.94 2.82
CA VAL A 203 5.42 -2.88 3.31
C VAL A 203 5.51 -3.88 4.48
N SER A 204 6.39 -4.86 4.37
CA SER A 204 6.43 -5.89 5.41
C SER A 204 7.74 -5.94 6.19
N TRP A 205 8.84 -6.24 5.52
CA TRP A 205 10.08 -6.34 6.27
C TRP A 205 11.31 -6.26 5.39
N GLY A 206 12.46 -6.11 6.04
CA GLY A 206 13.70 -6.07 5.31
C GLY A 206 14.83 -6.23 6.32
N GLU A 207 16.00 -6.69 5.86
CA GLU A 207 17.17 -6.87 6.76
C GLU A 207 17.84 -5.52 6.71
N GLY A 208 17.59 -4.72 7.74
CA GLY A 208 18.12 -3.37 7.76
C GLY A 208 17.24 -2.53 6.82
N CYS A 209 17.79 -1.44 6.31
CA CYS A 209 17.07 -0.59 5.37
C CYS A 209 18.10 -0.14 4.36
N ALA A 210 17.82 -0.33 3.08
CA ALA A 210 18.71 0.05 2.00
C ALA A 210 20.08 -0.61 2.03
N ARG A 211 20.18 -1.76 2.69
CA ARG A 211 21.46 -2.43 2.77
C ARG A 211 21.89 -3.00 1.43
N LYS A 212 23.18 -2.87 1.12
CA LYS A 212 23.69 -3.44 -0.12
C LYS A 212 23.45 -4.97 -0.10
N GLY A 213 22.94 -5.48 -1.21
CA GLY A 213 22.68 -6.91 -1.30
C GLY A 213 21.37 -7.37 -0.64
N LYS A 214 20.53 -6.42 -0.23
CA LYS A 214 19.27 -6.78 0.40
C LYS A 214 18.16 -5.97 -0.28
N TYR A 215 16.94 -6.52 -0.27
CA TYR A 215 15.78 -5.86 -0.89
C TYR A 215 14.65 -5.64 0.12
N GLY A 216 13.60 -4.95 -0.32
CA GLY A 216 12.47 -4.73 0.57
C GLY A 216 11.50 -5.86 0.33
N ILE A 217 10.88 -6.41 1.38
CA ILE A 217 9.95 -7.52 1.23
C ILE A 217 8.55 -7.00 1.54
N TYR A 218 7.64 -7.32 0.63
CA TYR A 218 6.25 -6.88 0.70
C TYR A 218 5.26 -8.00 0.71
N THR A 219 4.15 -7.83 1.41
CA THR A 219 3.13 -8.86 1.35
C THR A 219 2.53 -8.72 -0.05
N LYS A 220 2.38 -9.84 -0.76
CA LYS A 220 1.82 -9.83 -2.13
C LYS A 220 0.30 -9.77 -2.00
N VAL A 221 -0.27 -8.61 -2.21
CA VAL A 221 -1.71 -8.48 -2.06
C VAL A 221 -2.55 -9.42 -2.97
N THR A 222 -2.06 -9.74 -4.17
CA THR A 222 -2.84 -10.64 -5.06
C THR A 222 -3.15 -11.98 -4.39
N ALA A 223 -2.24 -12.47 -3.55
CA ALA A 223 -2.48 -13.75 -2.88
C ALA A 223 -3.61 -13.64 -1.87
N PHE A 224 -4.00 -12.42 -1.52
CA PHE A 224 -5.04 -12.26 -0.49
C PHE A 224 -6.26 -11.47 -0.93
N LEU A 225 -6.44 -11.28 -2.24
CA LEU A 225 -7.60 -10.51 -2.69
C LEU A 225 -8.92 -11.11 -2.21
N LYS A 226 -9.07 -12.43 -2.27
CA LYS A 226 -10.29 -13.05 -1.78
C LYS A 226 -10.42 -12.88 -0.26
N TRP A 227 -9.31 -13.01 0.45
CA TRP A 227 -9.32 -12.86 1.92
C TRP A 227 -9.76 -11.42 2.29
N ILE A 228 -9.25 -10.45 1.55
CA ILE A 228 -9.58 -9.07 1.81
C ILE A 228 -11.07 -8.87 1.54
N ASP A 229 -11.55 -9.40 0.41
CA ASP A 229 -12.96 -9.23 0.07
C ASP A 229 -13.86 -9.81 1.15
N ARG A 230 -13.52 -10.99 1.65
CA ARG A 230 -14.32 -11.63 2.68
C ARG A 230 -14.22 -10.82 3.97
N SER A 231 -13.02 -10.34 4.27
CA SER A 231 -12.82 -9.54 5.47
C SER A 231 -13.61 -8.24 5.43
N MET A 232 -13.66 -7.60 4.28
CA MET A 232 -14.37 -6.33 4.17
C MET A 232 -15.88 -6.48 4.26
N LYS A 233 -16.38 -7.69 4.08
CA LYS A 233 -17.81 -7.94 4.14
C LYS A 233 -18.19 -8.43 5.53
N THR A 234 -17.37 -8.07 6.51
CA THR A 234 -17.55 -8.46 7.91
C THR A 234 -17.78 -9.96 7.98
N ARG A 235 -16.81 -10.70 7.68
N CYS B 4 -5.97 -10.53 -24.69
CA CYS B 4 -5.54 -9.67 -23.55
C CYS B 4 -4.03 -9.58 -23.42
N SER B 5 -3.34 -10.58 -23.96
CA SER B 5 -1.89 -10.61 -23.89
C SER B 5 -1.26 -9.53 -24.75
N LEU B 6 -2.09 -8.79 -25.48
CA LEU B 6 -1.59 -7.73 -26.35
C LEU B 6 -2.27 -6.39 -26.04
N ASP B 7 -1.46 -5.39 -25.69
CA ASP B 7 -1.97 -4.06 -25.37
C ASP B 7 -3.13 -4.11 -24.36
N ASN B 8 -3.13 -5.13 -23.51
CA ASN B 8 -4.16 -5.28 -22.48
C ASN B 8 -5.56 -5.29 -23.10
N GLY B 9 -5.64 -5.79 -24.33
CA GLY B 9 -6.91 -5.84 -25.02
C GLY B 9 -7.45 -4.44 -25.28
N ASP B 10 -6.57 -3.45 -25.24
CA ASP B 10 -6.94 -2.06 -25.46
C ASP B 10 -7.82 -1.55 -24.32
N CYS B 11 -7.77 -2.26 -23.19
CA CYS B 11 -8.56 -1.92 -22.00
C CYS B 11 -7.91 -0.88 -21.10
N ASP B 12 -8.71 0.00 -20.53
CA ASP B 12 -8.19 1.04 -19.65
C ASP B 12 -7.80 0.43 -18.29
N GLN B 13 -8.57 -0.55 -17.84
CA GLN B 13 -8.29 -1.22 -16.57
C GLN B 13 -8.17 -2.73 -16.76
N PHE B 14 -9.15 -3.49 -16.26
CA PHE B 14 -9.09 -4.95 -16.35
C PHE B 14 -9.44 -5.45 -17.77
N CYS B 15 -8.86 -6.59 -18.15
CA CYS B 15 -9.09 -7.18 -19.46
C CYS B 15 -9.78 -8.53 -19.34
N VAL B 22 -12.21 -10.69 -25.88
CA VAL B 22 -11.69 -9.48 -25.23
C VAL B 22 -12.81 -8.71 -24.55
N VAL B 23 -12.73 -8.60 -23.23
CA VAL B 23 -13.74 -7.88 -22.47
C VAL B 23 -13.08 -7.04 -21.38
N CYS B 24 -13.25 -5.71 -21.49
CA CYS B 24 -12.71 -4.78 -20.52
C CYS B 24 -13.66 -4.64 -19.34
N SER B 25 -13.11 -4.34 -18.17
CA SER B 25 -13.93 -4.13 -16.98
C SER B 25 -13.19 -3.12 -16.11
N CYS B 26 -13.85 -2.62 -15.08
CA CYS B 26 -13.19 -1.63 -14.24
C CYS B 26 -13.36 -1.92 -12.76
N ALA B 27 -12.59 -1.19 -11.94
CA ALA B 27 -12.65 -1.34 -10.50
C ALA B 27 -13.91 -0.68 -9.93
N ARG B 28 -14.22 -0.98 -8.68
CA ARG B 28 -15.38 -0.37 -8.05
C ARG B 28 -15.23 1.15 -8.10
N GLY B 29 -16.35 1.85 -8.27
CA GLY B 29 -16.30 3.30 -8.34
C GLY B 29 -16.12 3.79 -9.77
N TYR B 30 -16.07 2.84 -10.71
CA TYR B 30 -15.92 3.15 -12.13
C TYR B 30 -16.97 2.42 -12.95
N THR B 31 -17.26 2.94 -14.13
CA THR B 31 -18.23 2.32 -15.03
C THR B 31 -17.58 2.24 -16.41
N LEU B 32 -17.71 1.10 -17.07
CA LEU B 32 -17.11 0.94 -18.39
C LEU B 32 -17.77 1.90 -19.36
N ALA B 33 -16.96 2.70 -20.06
CA ALA B 33 -17.47 3.69 -21.01
C ALA B 33 -18.18 3.06 -22.21
N ASP B 34 -18.85 3.91 -23.00
CA ASP B 34 -19.57 3.44 -24.19
C ASP B 34 -18.67 2.63 -25.13
N ASN B 35 -17.45 3.12 -25.35
CA ASN B 35 -16.51 2.42 -26.23
C ASN B 35 -16.11 1.06 -25.67
N GLY B 36 -16.59 0.77 -24.45
CA GLY B 36 -16.29 -0.52 -23.83
C GLY B 36 -14.83 -0.77 -23.50
N LYS B 37 -14.04 0.30 -23.43
CA LYS B 37 -12.63 0.16 -23.12
C LYS B 37 -12.19 1.10 -22.00
N ALA B 38 -12.57 2.37 -22.10
CA ALA B 38 -12.23 3.35 -21.08
C ALA B 38 -13.08 3.12 -19.83
N CYS B 39 -12.63 3.66 -18.71
CA CYS B 39 -13.36 3.53 -17.45
C CYS B 39 -13.74 4.91 -16.94
N ILE B 40 -14.99 5.08 -16.51
CA ILE B 40 -15.43 6.39 -16.03
C ILE B 40 -15.74 6.43 -14.53
N PRO B 41 -15.11 7.34 -13.79
CA PRO B 41 -15.34 7.45 -12.35
C PRO B 41 -16.78 7.89 -12.12
N THR B 42 -17.43 7.36 -11.08
CA THR B 42 -18.80 7.77 -10.80
C THR B 42 -18.82 8.78 -9.67
N GLY B 43 -17.67 9.08 -9.11
CA GLY B 43 -17.61 10.04 -8.03
C GLY B 43 -16.41 10.94 -8.17
N PRO B 44 -16.30 11.96 -7.32
CA PRO B 44 -15.17 12.90 -7.36
C PRO B 44 -13.86 12.32 -6.83
N TYR B 45 -13.95 11.25 -6.05
CA TYR B 45 -12.77 10.62 -5.47
C TYR B 45 -12.72 9.14 -5.80
N PRO B 46 -12.59 8.80 -7.09
CA PRO B 46 -12.55 7.38 -7.46
C PRO B 46 -11.27 6.74 -6.95
N CYS B 47 -11.32 5.43 -6.68
CA CYS B 47 -10.12 4.77 -6.19
C CYS B 47 -8.96 4.86 -7.19
N GLY B 48 -7.75 4.94 -6.64
CA GLY B 48 -6.56 4.95 -7.48
C GLY B 48 -6.20 6.18 -8.24
N LYS B 49 -6.86 7.29 -7.96
CA LYS B 49 -6.57 8.53 -8.65
C LYS B 49 -6.03 9.52 -7.67
N GLN B 50 -4.91 10.13 -8.02
CA GLN B 50 -4.33 11.14 -7.17
C GLN B 50 -5.34 12.29 -7.16
N THR B 51 -5.38 13.04 -6.07
CA THR B 51 -6.36 14.12 -5.90
C THR B 51 -5.86 15.52 -6.29
N LEU B 52 -6.77 16.38 -6.75
CA LEU B 52 -6.41 17.75 -7.14
C LEU B 52 -7.43 18.70 -6.54
N GLU B 53 -7.02 19.94 -6.27
CA GLU B 53 -7.95 20.91 -5.70
C GLU B 53 -8.78 21.50 -6.82
N ARG B 54 -8.18 22.04 -7.76
#